data_9OA6
#
_entry.id   9OA6
#
_cell.length_a   1.00
_cell.length_b   1.00
_cell.length_c   1.00
_cell.angle_alpha   90.00
_cell.angle_beta   90.00
_cell.angle_gamma   90.00
#
_symmetry.space_group_name_H-M   'P 1'
#
loop_
_entity.id
_entity.type
_entity.pdbx_description
1 polymer 'Golgin subfamily A member 7'
2 polymer 'Palmitoyltransferase ZDHHC5'
3 non-polymer 'ZINC ION'
#
loop_
_entity_poly.entity_id
_entity_poly.type
_entity_poly.pdbx_seq_one_letter_code
_entity_poly.pdbx_strand_id
1 'polypeptide(L)'
;MDYKDDDDKSGRAMRPQQAPVSGKVFIQRDYSSGTRCQFQTKFPAELENRIDRQQFEETVRTLNNLYAEAEKLGGQSYLE
GCLACLTAYTIFLCMETHYEKVLKKVSKYIQEQNEKIYAPQGLLLTDPIERGLRVIEITIYEDRGMSSGRAAA
;
B
2 'polypeptide(L)'
;MPAESGKRFKPSKYVPVSAAAIFLVGATTLFFAFTCPGLSLNVSPAVPIYNAIMFLFVLANFSMATFMDPGIFPRAEEDE
DKEDDFRAPLYKTVEIKGIQVRMKWCATCRFYRPPRCSHCSVCDNCVEEFDHHCPWVNNCIGRRNYRYFFLFLLSLTAHI
MGVFGFGLLYVLYHIEELSGVRTAVTMAVMCVAGLFFIPVAGLTGFHVVLVARGRTTNEQVTGKFRGGVNPFTNGCCNNV
SRVLCSSPAPRYLGRPKKEKTIVIRPPFLRPEVSDGQITVKIMDNGIQGELRRTKSKGSLEITESQSADAEPPPPPKPDL
SRYTGLRTHLSLATNEDSSLLGKDSPPTPTMYKYRPGYSSSSTSAAMPHSSSAKLSRGDSLKEPTSIADSSRHPSYRSEP
SLEPESFRSPTFGKSFHFDPLSSGSRSSSLKSAQGTGFELGQLQSIRSEGTTSTSYKSLANQTRNGSLSYDSLLTPSDSP
DFESVQAGPEPDPPLGYTSPFLSARLAQQREAERHPRLLPTGPPHREPSPVRYDNLSRHIVASLQEREKLLRQSPPLAGR
EEEPGLGDSGIQSTPGSGHAPRTSSSSDDSKRSPLSKTPLGRPAVPRFGKPDGLRSRGLGSPEPGTTAPYLGRSISYSSQ
KAPSGVSETEEVALQPLLTPKDEVQLKTTYSKSNGQPKSIGSASPGPGQPPLSSPTRGGVKKVSGVGGTTYEISVAAA
;
A
#
loop_
_chem_comp.id
_chem_comp.type
_chem_comp.name
_chem_comp.formula
ZN non-polymer 'ZINC ION' 'Zn 2'
#
# COMPACT_ATOMS: atom_id res chain seq x y z
N ALA A 19 2.26 15.03 37.80
CA ALA A 19 1.93 15.60 36.50
C ALA A 19 0.45 15.40 36.18
N PRO A 20 -0.39 16.32 36.66
CA PRO A 20 -1.82 16.21 36.40
C PRO A 20 -2.14 16.40 34.93
N VAL A 21 -3.22 15.75 34.50
CA VAL A 21 -3.70 15.81 33.12
C VAL A 21 -5.13 16.33 33.13
N SER A 22 -5.44 17.21 32.18
CA SER A 22 -6.77 17.79 32.09
C SER A 22 -7.63 17.07 31.05
N GLY A 23 -7.12 16.92 29.84
CA GLY A 23 -7.88 16.26 28.79
C GLY A 23 -7.05 16.19 27.52
N LYS A 24 -7.68 15.61 26.50
CA LYS A 24 -7.05 15.44 25.20
C LYS A 24 -7.95 16.01 24.11
N VAL A 25 -7.32 16.60 23.10
CA VAL A 25 -8.02 17.16 21.95
C VAL A 25 -7.43 16.53 20.69
N PHE A 26 -8.30 16.10 19.79
CA PHE A 26 -7.90 15.47 18.54
C PHE A 26 -8.17 16.42 17.38
N ILE A 27 -7.26 16.45 16.43
CA ILE A 27 -7.42 17.23 15.21
C ILE A 27 -7.70 16.27 14.06
N GLN A 28 -8.89 16.37 13.49
CA GLN A 28 -9.23 15.56 12.33
C GLN A 28 -8.40 15.99 11.14
N ARG A 29 -8.27 15.09 10.17
CA ARG A 29 -7.49 15.40 8.99
C ARG A 29 -8.30 16.22 7.99
N ASP A 30 -7.65 17.19 7.36
CA ASP A 30 -8.27 17.98 6.31
C ASP A 30 -8.59 17.09 5.11
N TYR A 31 -9.83 17.13 4.65
CA TYR A 31 -10.32 16.21 3.63
C TYR A 31 -10.85 16.91 2.40
N SER A 32 -10.95 18.24 2.41
CA SER A 32 -11.34 18.97 1.21
C SER A 32 -10.29 18.81 0.12
N SER A 33 -9.02 18.84 0.50
CA SER A 33 -7.96 18.58 -0.47
C SER A 33 -8.04 17.16 -1.00
N GLY A 34 -8.36 16.21 -0.14
CA GLY A 34 -8.47 14.83 -0.53
C GLY A 34 -7.98 13.92 0.59
N THR A 35 -7.39 12.80 0.18
CA THR A 35 -6.85 11.81 1.11
C THR A 35 -5.40 12.08 1.46
N ARG A 36 -4.82 13.18 0.99
CA ARG A 36 -3.44 13.49 1.31
C ARG A 36 -3.31 13.83 2.79
N CYS A 37 -2.09 13.68 3.29
CA CYS A 37 -1.84 13.77 4.74
C CYS A 37 -1.65 15.22 5.18
N GLN A 38 -2.75 15.97 5.14
CA GLN A 38 -2.81 17.29 5.75
C GLN A 38 -3.97 17.34 6.73
N PHE A 39 -3.71 17.92 7.90
CA PHE A 39 -4.70 17.97 8.97
C PHE A 39 -5.61 19.18 8.79
N GLN A 40 -6.77 19.13 9.45
CA GLN A 40 -7.66 20.28 9.49
C GLN A 40 -7.01 21.40 10.29
N THR A 41 -6.53 22.42 9.59
CA THR A 41 -5.79 23.50 10.20
C THR A 41 -6.65 24.36 11.12
N LYS A 42 -7.98 24.25 11.01
CA LYS A 42 -8.88 25.10 11.78
C LYS A 42 -8.63 24.94 13.28
N PHE A 43 -8.52 26.06 13.97
CA PHE A 43 -8.13 26.06 15.37
C PHE A 43 -9.29 25.57 16.24
N PRO A 44 -9.11 24.51 17.01
CA PRO A 44 -10.18 24.06 17.91
C PRO A 44 -10.43 25.07 19.02
N ALA A 45 -11.68 25.15 19.46
CA ALA A 45 -12.08 26.12 20.46
C ALA A 45 -11.63 25.75 21.87
N GLU A 46 -11.30 24.48 22.11
CA GLU A 46 -10.90 24.07 23.46
C GLU A 46 -9.57 24.68 23.86
N LEU A 47 -8.71 24.99 22.89
CA LEU A 47 -7.35 25.44 23.14
C LEU A 47 -7.25 26.94 23.36
N GLU A 48 -8.34 27.59 23.73
CA GLU A 48 -8.31 29.02 23.96
C GLU A 48 -7.48 29.36 25.19
N ASN A 49 -6.64 30.39 25.07
CA ASN A 49 -5.78 30.94 26.11
C ASN A 49 -4.68 29.97 26.54
N ARG A 50 -4.68 28.74 26.04
CA ARG A 50 -3.56 27.83 26.26
C ARG A 50 -2.54 27.97 25.14
N ILE A 51 -3.00 27.87 23.90
CA ILE A 51 -2.18 28.13 22.71
C ILE A 51 -2.93 29.13 21.84
N ASP A 52 -2.23 30.15 21.35
CA ASP A 52 -2.89 31.12 20.51
C ASP A 52 -3.18 30.52 19.13
N ARG A 53 -4.10 31.17 18.42
CA ARG A 53 -4.45 30.72 17.07
C ARG A 53 -3.29 30.86 16.11
N GLN A 54 -2.49 31.91 16.26
CA GLN A 54 -1.46 32.22 15.27
C GLN A 54 -0.37 31.15 15.25
N GLN A 55 0.19 30.82 16.41
CA GLN A 55 1.30 29.86 16.43
C GLN A 55 0.81 28.45 16.12
N PHE A 56 -0.40 28.10 16.55
CA PHE A 56 -0.98 26.82 16.17
C PHE A 56 -1.17 26.73 14.66
N GLU A 57 -1.69 27.79 14.06
CA GLU A 57 -1.77 27.85 12.60
C GLU A 57 -0.40 27.64 11.98
N GLU A 58 0.61 28.31 12.53
CA GLU A 58 1.96 28.23 11.98
C GLU A 58 2.49 26.80 12.02
N THR A 59 2.38 26.15 13.19
CA THR A 59 2.94 24.81 13.35
C THR A 59 2.17 23.79 12.52
N VAL A 60 0.84 23.90 12.47
CA VAL A 60 0.07 22.95 11.68
C VAL A 60 0.38 23.14 10.19
N ARG A 61 0.52 24.39 9.75
CA ARG A 61 0.87 24.64 8.35
C ARG A 61 2.23 24.06 8.01
N THR A 62 3.23 24.25 8.87
CA THR A 62 4.55 23.70 8.59
C THR A 62 4.54 22.17 8.59
N LEU A 63 3.84 21.56 9.56
CA LEU A 63 3.79 20.10 9.59
C LEU A 63 3.09 19.54 8.36
N ASN A 64 2.01 20.19 7.93
CA ASN A 64 1.33 19.77 6.71
C ASN A 64 2.24 19.95 5.49
N ASN A 65 3.01 21.03 5.47
CA ASN A 65 3.98 21.22 4.39
C ASN A 65 5.00 20.09 4.38
N LEU A 66 5.45 19.67 5.55
CA LEU A 66 6.43 18.59 5.63
C LEU A 66 5.85 17.29 5.09
N TYR A 67 4.62 16.95 5.50
CA TYR A 67 4.02 15.73 4.97
C TYR A 67 3.74 15.84 3.48
N ALA A 68 3.35 17.01 2.99
CA ALA A 68 3.17 17.18 1.56
C ALA A 68 4.48 16.98 0.82
N GLU A 69 5.58 17.51 1.37
CA GLU A 69 6.89 17.27 0.79
C GLU A 69 7.25 15.79 0.81
N ALA A 70 6.76 15.07 1.83
CA ALA A 70 6.97 13.63 1.86
C ALA A 70 6.19 12.88 0.79
N GLU A 71 5.18 13.51 0.20
CA GLU A 71 4.31 12.86 -0.76
C GLU A 71 4.62 13.22 -2.20
N LYS A 72 5.29 14.36 -2.45
CA LYS A 72 5.42 14.94 -3.78
C LYS A 72 5.84 13.90 -4.81
N LEU A 73 5.14 13.91 -5.95
CA LEU A 73 5.45 13.04 -7.08
C LEU A 73 6.45 13.69 -8.03
N GLY A 74 7.59 14.12 -7.49
CA GLY A 74 8.61 14.75 -8.29
C GLY A 74 9.43 13.74 -9.06
N GLY A 75 10.41 14.25 -9.82
CA GLY A 75 11.28 13.38 -10.58
C GLY A 75 12.09 12.45 -9.71
N GLN A 76 12.43 12.90 -8.50
CA GLN A 76 13.20 12.07 -7.58
C GLN A 76 12.41 10.84 -7.15
N SER A 77 11.10 10.99 -6.94
CA SER A 77 10.28 9.83 -6.60
C SER A 77 10.26 8.82 -7.75
N TYR A 78 10.11 9.30 -8.98
CA TYR A 78 10.16 8.42 -10.14
C TYR A 78 11.49 7.70 -10.22
N LEU A 79 12.59 8.43 -9.99
CA LEU A 79 13.91 7.82 -10.06
C LEU A 79 14.10 6.76 -8.98
N GLU A 80 13.68 7.04 -7.75
CA GLU A 80 13.83 6.07 -6.69
C GLU A 80 12.96 4.84 -6.95
N GLY A 81 11.76 5.05 -7.49
CA GLY A 81 10.94 3.91 -7.87
C GLY A 81 11.59 3.05 -8.92
N CYS A 82 12.16 3.68 -9.95
CA CYS A 82 12.84 2.91 -11.00
C CYS A 82 14.05 2.16 -10.44
N LEU A 83 14.82 2.82 -9.57
CA LEU A 83 15.99 2.17 -8.98
C LEU A 83 15.58 0.98 -8.12
N ALA A 84 14.52 1.14 -7.34
CA ALA A 84 14.03 0.03 -6.53
C ALA A 84 13.54 -1.12 -7.41
N CYS A 85 12.82 -0.81 -8.49
CA CYS A 85 12.35 -1.87 -9.37
C CYS A 85 13.52 -2.61 -10.01
N LEU A 86 14.55 -1.88 -10.44
CA LEU A 86 15.68 -2.52 -11.09
C LEU A 86 16.46 -3.41 -10.12
N THR A 87 16.62 -2.96 -8.87
CA THR A 87 17.50 -3.61 -7.91
C THR A 87 16.75 -4.63 -7.04
N ALA A 88 15.51 -4.96 -7.42
CA ALA A 88 14.67 -5.90 -6.67
C ALA A 88 14.42 -5.43 -5.25
N TYR A 89 14.31 -4.12 -5.07
CA TYR A 89 13.87 -3.46 -3.84
C TYR A 89 14.85 -3.66 -2.68
N THR A 90 16.01 -4.26 -2.91
CA THR A 90 17.00 -4.38 -1.85
C THR A 90 17.53 -3.04 -1.41
N ILE A 91 17.34 -2.00 -2.21
CA ILE A 91 17.75 -0.65 -1.84
C ILE A 91 16.99 -0.17 -0.61
N PHE A 92 15.80 -0.71 -0.37
CA PHE A 92 15.07 -0.38 0.86
C PHE A 92 15.82 -0.86 2.09
N LEU A 93 16.41 -2.06 2.01
CA LEU A 93 17.13 -2.59 3.16
C LEU A 93 18.41 -1.79 3.44
N CYS A 94 19.10 -1.37 2.39
CA CYS A 94 20.32 -0.58 2.55
C CYS A 94 20.05 0.88 2.86
N MET A 95 18.97 1.44 2.30
CA MET A 95 18.68 2.86 2.45
C MET A 95 17.22 3.04 2.81
N GLU A 96 16.96 3.88 3.82
CA GLU A 96 15.60 4.17 4.24
C GLU A 96 14.88 4.97 3.17
N THR A 97 13.56 4.78 3.11
CA THR A 97 12.74 5.43 2.10
C THR A 97 12.63 6.93 2.37
N HIS A 98 12.17 7.66 1.36
CA HIS A 98 12.01 9.11 1.49
C HIS A 98 11.03 9.46 2.61
N TYR A 99 9.91 8.75 2.67
CA TYR A 99 8.92 9.06 3.69
C TYR A 99 9.49 8.86 5.08
N GLU A 100 10.37 7.86 5.26
CA GLU A 100 10.94 7.61 6.58
C GLU A 100 11.84 8.75 7.02
N LYS A 101 12.68 9.27 6.12
CA LYS A 101 13.52 10.40 6.51
C LYS A 101 12.69 11.65 6.75
N VAL A 102 11.60 11.83 6.01
CA VAL A 102 10.72 12.95 6.31
C VAL A 102 10.08 12.78 7.68
N LEU A 103 9.73 11.55 8.03
CA LEU A 103 9.18 11.29 9.36
C LEU A 103 10.21 11.61 10.44
N LYS A 104 11.47 11.26 10.19
CA LYS A 104 12.53 11.60 11.14
C LYS A 104 12.64 13.12 11.32
N LYS A 105 12.61 13.85 10.20
CA LYS A 105 12.72 15.30 10.27
C LYS A 105 11.53 15.92 11.00
N VAL A 106 10.32 15.44 10.71
CA VAL A 106 9.14 15.99 11.37
C VAL A 106 9.10 15.58 12.84
N SER A 107 9.67 14.43 13.18
CA SER A 107 9.80 14.05 14.59
C SER A 107 10.72 15.04 15.30
N LYS A 108 11.85 15.36 14.69
CA LYS A 108 12.72 16.38 15.29
C LYS A 108 11.98 17.70 15.43
N TYR A 109 11.19 18.05 14.41
CA TYR A 109 10.41 19.29 14.45
C TYR A 109 9.45 19.29 15.64
N ILE A 110 8.72 18.19 15.84
CA ILE A 110 7.74 18.17 16.91
C ILE A 110 8.43 18.18 18.27
N GLN A 111 9.58 17.50 18.40
CA GLN A 111 10.30 17.57 19.67
C GLN A 111 10.74 18.99 19.98
N GLU A 112 11.31 19.71 19.00
CA GLU A 112 11.78 21.05 19.31
C GLU A 112 10.62 21.99 19.58
N GLN A 113 9.51 21.81 18.85
CA GLN A 113 8.33 22.63 19.10
C GLN A 113 7.78 22.37 20.51
N ASN A 114 7.73 21.10 20.92
CA ASN A 114 7.24 20.77 22.25
C ASN A 114 8.15 21.35 23.33
N GLU A 115 9.47 21.27 23.14
CA GLU A 115 10.38 21.77 24.15
C GLU A 115 10.49 23.29 24.14
N LYS A 116 10.04 23.96 23.09
CA LYS A 116 10.18 25.40 23.04
C LYS A 116 8.89 26.19 23.26
N ILE A 117 7.72 25.65 22.90
CA ILE A 117 6.49 26.43 23.00
C ILE A 117 5.47 25.74 23.89
N TYR A 118 5.21 24.45 23.65
CA TYR A 118 4.10 23.79 24.32
C TYR A 118 4.41 23.52 25.79
N ALA A 119 5.65 23.14 26.11
CA ALA A 119 5.99 22.79 27.49
C ALA A 119 5.74 23.93 28.47
N PRO A 120 6.17 25.17 28.23
CA PRO A 120 5.77 26.25 29.15
C PRO A 120 4.26 26.47 29.17
N GLN A 121 3.56 26.17 28.08
CA GLN A 121 2.12 26.31 28.01
C GLN A 121 1.39 25.07 28.52
N GLY A 122 2.11 24.10 29.08
CA GLY A 122 1.47 22.91 29.62
C GLY A 122 0.82 22.03 28.58
N LEU A 123 1.43 21.92 27.40
CA LEU A 123 0.94 21.04 26.34
C LEU A 123 2.08 20.17 25.84
N LEU A 124 1.70 19.06 25.22
CA LEU A 124 2.67 18.17 24.59
C LEU A 124 2.00 17.50 23.40
N LEU A 125 2.79 17.27 22.36
CA LEU A 125 2.30 16.70 21.10
C LEU A 125 2.97 15.36 20.84
N THR A 126 2.19 14.40 20.36
CA THR A 126 2.70 13.10 20.00
C THR A 126 2.79 12.95 18.49
N ASP A 127 3.67 12.07 18.05
CA ASP A 127 3.81 11.83 16.62
C ASP A 127 2.55 11.16 16.09
N PRO A 128 1.93 11.70 15.04
CA PRO A 128 0.75 11.04 14.46
C PRO A 128 1.04 9.67 13.90
N ILE A 129 2.30 9.35 13.59
CA ILE A 129 2.62 8.02 13.08
C ILE A 129 2.34 6.96 14.13
N GLU A 130 2.42 7.33 15.41
CA GLU A 130 2.00 6.40 16.46
C GLU A 130 0.49 6.19 16.41
N ARG A 131 -0.25 7.20 15.97
CA ARG A 131 -1.70 7.11 15.82
C ARG A 131 -2.11 6.64 14.43
N GLY A 132 -1.15 6.33 13.57
CA GLY A 132 -1.49 5.86 12.23
C GLY A 132 -1.84 6.95 11.25
N LEU A 133 -1.34 8.17 11.46
CA LEU A 133 -1.62 9.32 10.59
C LEU A 133 -3.11 9.54 10.43
N ARG A 134 -3.84 9.44 11.54
CA ARG A 134 -5.26 9.70 11.57
C ARG A 134 -5.61 10.96 12.35
N VAL A 135 -5.18 11.03 13.60
CA VAL A 135 -5.45 12.18 14.46
C VAL A 135 -4.18 12.51 15.24
N ILE A 136 -3.91 13.80 15.39
CA ILE A 136 -2.80 14.24 16.24
C ILE A 136 -3.32 14.53 17.63
N GLU A 137 -2.63 14.04 18.64
CA GLU A 137 -3.07 14.11 20.03
C GLU A 137 -2.21 15.14 20.76
N ILE A 138 -2.86 16.04 21.50
CA ILE A 138 -2.16 17.09 22.20
C ILE A 138 -2.28 16.90 23.71
N VAL B 17 -3.96 -25.79 7.98
CA VAL B 17 -3.70 -24.38 7.73
C VAL B 17 -3.90 -24.05 6.26
N SER B 18 -3.22 -23.02 5.78
CA SER B 18 -3.33 -22.58 4.39
C SER B 18 -1.97 -22.71 3.70
N ALA B 19 -2.01 -22.99 2.40
CA ALA B 19 -0.82 -23.21 1.61
C ALA B 19 -0.83 -22.32 0.37
N ALA B 20 0.35 -22.02 -0.13
CA ALA B 20 0.51 -21.15 -1.29
C ALA B 20 0.35 -21.98 -2.56
N ALA B 21 0.71 -21.39 -3.70
CA ALA B 21 0.62 -22.05 -5.00
C ALA B 21 1.99 -22.61 -5.35
N ILE B 22 2.27 -23.80 -4.80
CA ILE B 22 3.54 -24.45 -5.07
C ILE B 22 3.62 -24.90 -6.53
N PHE B 23 2.49 -25.35 -7.09
CA PHE B 23 2.51 -25.89 -8.44
C PHE B 23 2.97 -24.86 -9.46
N LEU B 24 2.68 -23.58 -9.23
CA LEU B 24 3.10 -22.55 -10.18
C LEU B 24 4.61 -22.50 -10.31
N VAL B 25 5.33 -22.62 -9.19
CA VAL B 25 6.78 -22.71 -9.26
C VAL B 25 7.20 -24.01 -9.94
N GLY B 26 6.46 -25.09 -9.68
CA GLY B 26 6.81 -26.37 -10.28
C GLY B 26 6.74 -26.37 -11.79
N ALA B 27 5.80 -25.61 -12.36
CA ALA B 27 5.76 -25.46 -13.81
C ALA B 27 6.97 -24.70 -14.32
N THR B 28 7.41 -23.68 -13.58
CA THR B 28 8.53 -22.86 -14.05
C THR B 28 9.84 -23.64 -14.02
N THR B 29 10.05 -24.45 -12.98
CA THR B 29 11.32 -25.15 -12.86
C THR B 29 11.54 -26.18 -13.96
N LEU B 30 10.47 -26.59 -14.65
CA LEU B 30 10.64 -27.44 -15.82
C LEU B 30 11.53 -26.78 -16.84
N PHE B 31 11.39 -25.46 -17.00
CA PHE B 31 12.24 -24.72 -17.92
C PHE B 31 13.65 -24.56 -17.36
N PHE B 32 13.79 -24.52 -16.04
CA PHE B 32 15.09 -24.32 -15.41
C PHE B 32 15.99 -25.54 -15.47
N ALA B 33 15.44 -26.75 -15.35
CA ALA B 33 16.29 -27.94 -15.29
C ALA B 33 16.80 -28.31 -16.68
N PHE B 34 15.89 -28.64 -17.59
CA PHE B 34 16.27 -28.97 -18.98
C PHE B 34 15.10 -28.56 -19.88
N THR B 35 15.17 -27.36 -20.41
CA THR B 35 14.28 -27.06 -21.54
C THR B 35 15.01 -26.46 -22.72
N CYS B 36 15.97 -25.59 -22.47
CA CYS B 36 16.72 -25.02 -23.58
C CYS B 36 18.21 -24.75 -23.28
N PRO B 37 18.96 -25.71 -22.72
CA PRO B 37 20.41 -25.56 -22.73
C PRO B 37 21.00 -26.02 -24.04
N GLY B 38 21.90 -25.22 -24.59
CA GLY B 38 22.66 -25.63 -25.76
C GLY B 38 21.87 -25.72 -27.05
N LEU B 39 20.72 -25.04 -27.16
CA LEU B 39 19.99 -24.98 -28.41
C LEU B 39 20.38 -23.78 -29.24
N SER B 40 21.00 -22.78 -28.63
CA SER B 40 21.29 -21.51 -29.29
C SER B 40 22.64 -21.53 -29.99
N LEU B 41 22.82 -22.50 -30.88
CA LEU B 41 23.93 -22.49 -31.81
C LEU B 41 23.54 -22.00 -33.19
N ASN B 42 22.29 -22.23 -33.61
CA ASN B 42 21.73 -21.61 -34.81
C ASN B 42 20.23 -21.41 -34.59
N VAL B 43 19.88 -20.24 -34.03
CA VAL B 43 18.52 -19.84 -33.69
C VAL B 43 18.63 -18.53 -32.90
N SER B 44 17.94 -18.42 -31.76
CA SER B 44 17.98 -17.22 -30.94
C SER B 44 19.05 -17.37 -29.87
N PRO B 45 20.11 -16.56 -29.88
CA PRO B 45 21.20 -16.72 -28.91
C PRO B 45 20.86 -16.37 -27.47
N ALA B 46 20.28 -15.19 -27.25
CA ALA B 46 20.15 -14.63 -25.90
C ALA B 46 19.06 -15.38 -25.14
N VAL B 47 19.47 -16.37 -24.35
CA VAL B 47 18.53 -17.28 -23.69
C VAL B 47 17.87 -16.66 -22.45
N PRO B 48 18.62 -16.27 -21.42
CA PRO B 48 17.98 -16.03 -20.11
C PRO B 48 16.92 -14.93 -20.12
N ILE B 49 17.09 -13.90 -20.95
CA ILE B 49 16.23 -12.72 -20.88
C ILE B 49 14.76 -13.07 -21.05
N TYR B 50 14.47 -14.21 -21.69
CA TYR B 50 13.08 -14.58 -21.95
C TYR B 50 12.36 -14.97 -20.66
N ASN B 51 13.03 -15.74 -19.80
CA ASN B 51 12.32 -16.35 -18.68
C ASN B 51 12.96 -16.11 -17.32
N ALA B 52 14.29 -16.05 -17.26
CA ALA B 52 14.98 -15.99 -15.97
C ALA B 52 14.64 -14.70 -15.23
N ILE B 53 14.81 -13.56 -15.89
CA ILE B 53 14.56 -12.28 -15.22
C ILE B 53 13.09 -12.18 -14.82
N MET B 54 12.19 -12.66 -15.67
CA MET B 54 10.77 -12.65 -15.33
C MET B 54 10.50 -13.51 -14.11
N PHE B 55 11.12 -14.68 -14.01
CA PHE B 55 10.90 -15.54 -12.85
C PHE B 55 11.43 -14.89 -11.58
N LEU B 56 12.62 -14.26 -11.65
CA LEU B 56 13.14 -13.57 -10.47
C LEU B 56 12.22 -12.44 -10.04
N PHE B 57 11.72 -11.65 -11.00
CA PHE B 57 10.82 -10.56 -10.65
C PHE B 57 9.53 -11.09 -10.03
N VAL B 58 8.98 -12.16 -10.61
CA VAL B 58 7.75 -12.75 -10.08
C VAL B 58 7.98 -13.22 -8.66
N LEU B 59 9.08 -13.93 -8.42
CA LEU B 59 9.34 -14.47 -7.08
C LEU B 59 9.51 -13.35 -6.08
N ALA B 60 10.28 -12.31 -6.43
CA ALA B 60 10.53 -11.22 -5.49
C ALA B 60 9.25 -10.48 -5.17
N ASN B 61 8.46 -10.13 -6.20
CA ASN B 61 7.21 -9.41 -5.94
C ASN B 61 6.23 -10.26 -5.15
N PHE B 62 6.12 -11.56 -5.49
CA PHE B 62 5.21 -12.43 -4.77
C PHE B 62 5.59 -12.54 -3.30
N SER B 63 6.89 -12.74 -3.03
CA SER B 63 7.33 -12.85 -1.64
C SER B 63 7.07 -11.56 -0.88
N MET B 64 7.42 -10.42 -1.48
CA MET B 64 7.23 -9.15 -0.77
C MET B 64 5.76 -8.82 -0.60
N ALA B 65 4.88 -9.37 -1.45
CA ALA B 65 3.46 -9.21 -1.23
C ALA B 65 2.95 -10.14 -0.14
N THR B 66 3.51 -11.34 -0.04
CA THR B 66 3.03 -12.30 0.96
C THR B 66 3.48 -11.92 2.37
N PHE B 67 4.78 -11.76 2.59
CA PHE B 67 5.25 -11.38 3.92
C PHE B 67 5.54 -9.88 3.89
N MET B 68 4.53 -9.09 4.29
CA MET B 68 4.69 -7.66 4.50
C MET B 68 3.41 -7.14 5.12
N ASP B 69 3.54 -6.18 6.03
CA ASP B 69 2.37 -5.53 6.59
C ASP B 69 1.66 -4.76 5.48
N PRO B 70 0.38 -5.02 5.21
CA PRO B 70 -0.35 -4.30 4.16
C PRO B 70 -0.97 -2.99 4.58
N GLY B 71 -0.81 -2.58 5.83
CA GLY B 71 -1.46 -1.38 6.31
C GLY B 71 -2.37 -1.60 7.49
N ILE B 72 -2.01 -2.57 8.35
CA ILE B 72 -2.74 -2.78 9.59
C ILE B 72 -2.69 -1.51 10.42
N PHE B 73 -3.86 -0.93 10.69
CA PHE B 73 -3.95 0.15 11.65
C PHE B 73 -3.60 -0.36 13.04
N PRO B 74 -3.03 0.49 13.90
CA PRO B 74 -2.46 -0.01 15.15
C PRO B 74 -3.46 -0.26 16.26
N ARG B 75 -4.60 -0.88 15.93
CA ARG B 75 -5.57 -1.36 16.91
C ARG B 75 -5.85 -0.30 17.98
N ALA B 76 -6.47 0.78 17.54
CA ALA B 76 -6.79 1.91 18.41
C ALA B 76 -7.42 1.42 19.70
N GLU B 77 -6.77 1.73 20.82
CA GLU B 77 -7.23 1.27 22.12
C GLU B 77 -8.47 2.04 22.54
N GLU B 78 -8.99 1.68 23.72
CA GLU B 78 -10.18 2.34 24.24
C GLU B 78 -9.88 3.80 24.59
N ASP B 79 -10.92 4.51 25.00
CA ASP B 79 -10.85 5.96 25.25
C ASP B 79 -10.29 6.68 24.02
N GLU B 80 -10.81 6.30 22.85
CA GLU B 80 -10.32 6.80 21.58
C GLU B 80 -11.34 7.72 20.93
N ASP B 81 -10.83 8.75 20.26
CA ASP B 81 -11.64 9.73 19.51
C ASP B 81 -12.56 10.43 20.49
N LYS B 82 -13.88 10.43 20.29
CA LYS B 82 -14.81 11.12 21.18
C LYS B 82 -15.77 10.10 21.77
N GLU B 83 -16.01 10.22 23.07
CA GLU B 83 -16.90 9.31 23.79
C GLU B 83 -18.29 9.92 24.00
N ASP B 84 -18.59 11.03 23.35
CA ASP B 84 -19.91 11.65 23.47
C ASP B 84 -20.98 10.90 22.69
N ASP B 85 -20.63 9.81 22.02
CA ASP B 85 -21.62 8.99 21.31
C ASP B 85 -22.62 8.41 22.31
N PHE B 86 -23.85 8.92 22.28
CA PHE B 86 -24.90 8.41 23.16
C PHE B 86 -25.72 7.33 22.47
N ARG B 87 -26.38 7.69 21.37
CA ARG B 87 -27.18 6.75 20.59
C ARG B 87 -26.97 7.00 19.10
N ALA B 88 -25.77 7.42 18.72
CA ALA B 88 -25.50 7.76 17.33
C ALA B 88 -25.58 6.49 16.46
N PRO B 89 -25.96 6.65 15.19
CA PRO B 89 -26.07 5.48 14.30
C PRO B 89 -24.70 5.00 13.84
N LEU B 90 -23.65 5.50 14.48
CA LEU B 90 -22.29 5.02 14.30
C LEU B 90 -21.77 5.30 12.88
N TYR B 91 -22.10 6.47 12.33
CA TYR B 91 -21.45 6.89 11.10
C TYR B 91 -21.47 8.41 11.00
N LYS B 92 -20.31 8.99 10.75
CA LYS B 92 -20.20 10.42 10.46
C LYS B 92 -19.80 10.62 9.01
N THR B 93 -20.39 11.62 8.38
CA THR B 93 -20.25 11.86 6.95
C THR B 93 -19.25 12.98 6.71
N VAL B 94 -18.31 12.75 5.79
CA VAL B 94 -17.37 13.75 5.33
C VAL B 94 -17.50 13.85 3.81
N GLU B 95 -17.43 15.08 3.30
CA GLU B 95 -17.65 15.32 1.87
C GLU B 95 -16.30 15.65 1.24
N ILE B 96 -15.61 14.62 0.76
CA ILE B 96 -14.35 14.81 0.04
C ILE B 96 -14.67 15.11 -1.41
N LYS B 97 -13.97 16.10 -1.98
CA LYS B 97 -14.22 16.58 -3.33
C LYS B 97 -15.66 17.05 -3.50
N GLY B 98 -16.30 17.45 -2.40
CA GLY B 98 -17.69 17.84 -2.41
C GLY B 98 -18.67 16.69 -2.45
N ILE B 99 -18.19 15.45 -2.49
CA ILE B 99 -19.03 14.26 -2.54
C ILE B 99 -18.94 13.56 -1.20
N GLN B 100 -20.09 13.30 -0.59
CA GLN B 100 -20.12 12.67 0.72
C GLN B 100 -19.76 11.20 0.62
N VAL B 101 -19.07 10.69 1.64
CA VAL B 101 -18.80 9.28 1.79
C VAL B 101 -19.18 8.85 3.19
N ARG B 102 -19.80 7.68 3.30
CA ARG B 102 -20.25 7.18 4.59
C ARG B 102 -19.23 6.19 5.12
N MET B 103 -18.57 6.58 6.21
CA MET B 103 -17.63 5.75 6.95
C MET B 103 -18.32 5.21 8.20
N LYS B 104 -17.60 4.40 8.98
CA LYS B 104 -18.25 3.63 10.03
C LYS B 104 -17.44 3.70 11.32
N TRP B 105 -18.16 3.78 12.44
CA TRP B 105 -17.61 3.62 13.79
C TRP B 105 -17.29 2.15 14.00
N CYS B 106 -16.04 1.77 13.73
CA CYS B 106 -15.63 0.38 13.89
C CYS B 106 -15.62 -0.02 15.35
N ALA B 107 -16.13 -1.21 15.65
CA ALA B 107 -16.33 -1.62 17.04
C ALA B 107 -15.01 -2.04 17.68
N THR B 108 -14.41 -3.13 17.18
CA THR B 108 -13.21 -3.65 17.82
C THR B 108 -11.98 -2.81 17.51
N CYS B 109 -11.87 -2.27 16.29
CA CYS B 109 -10.72 -1.47 15.94
C CYS B 109 -10.78 -0.09 16.59
N ARG B 110 -11.99 0.37 16.92
CA ARG B 110 -12.21 1.52 17.78
C ARG B 110 -11.69 2.80 17.12
N PHE B 111 -12.10 3.06 15.88
CA PHE B 111 -11.88 4.36 15.25
C PHE B 111 -12.80 4.53 14.03
N TYR B 112 -12.76 5.69 13.39
CA TYR B 112 -13.78 6.10 12.44
C TYR B 112 -13.61 5.53 11.03
N ARG B 113 -12.54 4.77 10.75
CA ARG B 113 -12.24 4.28 9.41
C ARG B 113 -12.22 5.39 8.37
N PRO B 114 -11.13 6.14 8.27
CA PRO B 114 -11.02 7.18 7.24
C PRO B 114 -11.44 6.66 5.87
N PRO B 115 -11.82 7.54 4.96
CA PRO B 115 -12.44 7.09 3.71
C PRO B 115 -11.52 6.19 2.89
N ARG B 116 -12.16 5.27 2.18
CA ARG B 116 -11.49 4.29 1.32
C ARG B 116 -10.64 3.32 2.15
N CYS B 117 -11.20 2.81 3.24
CA CYS B 117 -10.62 1.66 3.94
C CYS B 117 -11.72 1.00 4.75
N SER B 118 -11.46 -0.24 5.18
CA SER B 118 -12.48 -1.00 5.89
C SER B 118 -11.88 -2.10 6.74
N HIS B 119 -12.74 -2.96 7.26
CA HIS B 119 -12.35 -4.16 8.00
C HIS B 119 -11.89 -5.23 7.02
N CYS B 120 -11.63 -6.41 7.56
CA CYS B 120 -11.26 -7.57 6.73
C CYS B 120 -11.94 -8.84 7.22
N SER B 121 -12.79 -8.73 8.24
CA SER B 121 -13.57 -9.84 8.80
C SER B 121 -12.73 -11.06 9.15
N VAL B 122 -12.49 -11.94 8.17
CA VAL B 122 -11.74 -13.16 8.43
C VAL B 122 -10.33 -12.83 8.91
N CYS B 123 -9.73 -11.77 8.36
CA CYS B 123 -8.38 -11.38 8.75
C CYS B 123 -8.38 -10.85 10.18
N ASP B 124 -9.56 -10.51 10.69
CA ASP B 124 -9.84 -10.04 12.05
C ASP B 124 -9.24 -8.66 12.31
N ASN B 125 -8.64 -8.01 11.32
CA ASN B 125 -8.08 -6.69 11.50
C ASN B 125 -8.84 -5.68 10.63
N CYS B 126 -8.71 -4.41 10.99
CA CYS B 126 -9.26 -3.31 10.22
C CYS B 126 -8.10 -2.45 9.74
N VAL B 127 -8.05 -2.19 8.44
CA VAL B 127 -6.81 -1.74 7.80
C VAL B 127 -6.98 -0.38 7.16
N GLU B 128 -5.90 0.10 6.55
CA GLU B 128 -5.94 1.24 5.65
C GLU B 128 -6.46 0.79 4.29
N GLU B 129 -6.21 1.61 3.26
CA GLU B 129 -6.90 1.50 1.99
C GLU B 129 -6.99 0.05 1.51
N PHE B 130 -8.21 -0.48 1.46
CA PHE B 130 -8.40 -1.92 1.34
C PHE B 130 -8.75 -2.29 -0.10
N ASP B 131 -8.19 -3.42 -0.54
CA ASP B 131 -8.52 -3.94 -1.86
C ASP B 131 -9.25 -5.27 -1.78
N HIS B 132 -8.60 -6.29 -1.21
CA HIS B 132 -9.19 -7.62 -1.21
C HIS B 132 -8.40 -8.52 -0.28
N HIS B 133 -9.07 -9.56 0.22
CA HIS B 133 -8.43 -10.57 1.02
C HIS B 133 -8.52 -11.92 0.32
N CYS B 134 -7.46 -12.72 0.46
CA CYS B 134 -7.35 -13.99 -0.25
C CYS B 134 -6.41 -14.92 0.50
N PRO B 135 -6.69 -16.22 0.54
CA PRO B 135 -5.78 -17.14 1.23
C PRO B 135 -4.54 -17.46 0.41
N TRP B 136 -4.63 -17.28 -0.92
CA TRP B 136 -3.46 -17.50 -1.76
C TRP B 136 -2.39 -16.45 -1.49
N VAL B 137 -2.81 -15.19 -1.30
CA VAL B 137 -1.88 -14.15 -0.87
C VAL B 137 -1.66 -14.25 0.63
N ASN B 138 -2.48 -15.06 1.30
CA ASN B 138 -2.38 -15.34 2.73
C ASN B 138 -2.71 -14.12 3.59
N ASN B 139 -3.07 -13.01 2.95
CA ASN B 139 -3.40 -11.79 3.68
C ASN B 139 -4.47 -10.99 2.96
N CYS B 140 -4.63 -9.74 3.38
CA CYS B 140 -5.49 -8.78 2.72
C CYS B 140 -4.61 -7.66 2.17
N ILE B 141 -4.97 -7.15 1.00
CA ILE B 141 -4.13 -6.20 0.27
C ILE B 141 -4.54 -4.79 0.67
N GLY B 142 -3.59 -4.04 1.22
CA GLY B 142 -3.82 -2.66 1.57
C GLY B 142 -3.35 -1.73 0.47
N ARG B 143 -2.42 -0.83 0.79
CA ARG B 143 -1.73 -0.06 -0.23
C ARG B 143 -0.22 -0.17 -0.11
N ARG B 144 0.28 -0.56 1.06
CA ARG B 144 1.70 -0.85 1.20
C ARG B 144 2.12 -1.99 0.29
N ASN B 145 1.30 -3.04 0.21
CA ASN B 145 1.60 -4.19 -0.64
C ASN B 145 0.80 -4.17 -1.93
N TYR B 146 0.02 -3.12 -2.19
CA TYR B 146 -0.75 -3.08 -3.42
C TYR B 146 0.16 -2.92 -4.62
N ARG B 147 1.19 -2.09 -4.51
CA ARG B 147 2.16 -1.97 -5.60
C ARG B 147 2.89 -3.29 -5.82
N TYR B 148 3.30 -3.95 -4.74
CA TYR B 148 4.02 -5.21 -4.87
C TYR B 148 3.15 -6.27 -5.49
N PHE B 149 1.90 -6.38 -5.04
CA PHE B 149 0.98 -7.35 -5.62
C PHE B 149 0.64 -7.04 -7.07
N PHE B 150 0.51 -5.75 -7.40
CA PHE B 150 0.19 -5.38 -8.77
C PHE B 150 1.33 -5.74 -9.71
N LEU B 151 2.57 -5.40 -9.34
CA LEU B 151 3.70 -5.82 -10.16
C LEU B 151 3.85 -7.34 -10.16
N PHE B 152 3.50 -8.01 -9.06
CA PHE B 152 3.58 -9.47 -9.07
C PHE B 152 2.63 -10.06 -10.09
N LEU B 153 1.40 -9.56 -10.13
CA LEU B 153 0.43 -10.05 -11.11
C LEU B 153 0.87 -9.71 -12.53
N LEU B 154 1.35 -8.49 -12.75
CA LEU B 154 1.78 -8.11 -14.09
C LEU B 154 2.94 -8.96 -14.55
N SER B 155 3.93 -9.18 -13.67
CA SER B 155 5.06 -10.01 -14.04
C SER B 155 4.67 -11.47 -14.22
N LEU B 156 3.72 -11.97 -13.42
CA LEU B 156 3.30 -13.36 -13.57
C LEU B 156 2.56 -13.57 -14.88
N THR B 157 1.63 -12.67 -15.22
CA THR B 157 0.95 -12.82 -16.50
C THR B 157 1.92 -12.61 -17.66
N ALA B 158 2.92 -11.74 -17.49
CA ALA B 158 3.95 -11.59 -18.50
C ALA B 158 4.75 -12.89 -18.65
N HIS B 159 5.07 -13.54 -17.53
CA HIS B 159 5.81 -14.80 -17.58
C HIS B 159 5.01 -15.87 -18.30
N ILE B 160 3.72 -15.98 -17.99
CA ILE B 160 2.88 -16.98 -18.64
C ILE B 160 2.76 -16.69 -20.13
N MET B 161 2.53 -15.42 -20.49
CA MET B 161 2.43 -15.05 -21.90
C MET B 161 3.74 -15.34 -22.63
N GLY B 162 4.86 -15.00 -22.02
CA GLY B 162 6.15 -15.28 -22.64
C GLY B 162 6.36 -16.77 -22.87
N VAL B 163 6.05 -17.58 -21.85
CA VAL B 163 6.14 -19.03 -22.03
C VAL B 163 5.29 -19.46 -23.22
N PHE B 164 3.98 -19.25 -23.13
CA PHE B 164 3.04 -19.77 -24.13
C PHE B 164 3.21 -19.15 -25.51
N GLY B 165 3.91 -18.03 -25.64
CA GLY B 165 4.04 -17.42 -26.95
C GLY B 165 5.41 -17.54 -27.58
N PHE B 166 6.46 -17.73 -26.77
CA PHE B 166 7.81 -17.81 -27.31
C PHE B 166 8.63 -18.99 -26.80
N GLY B 167 8.39 -19.49 -25.60
CA GLY B 167 9.23 -20.57 -25.13
C GLY B 167 8.92 -21.89 -25.76
N LEU B 168 7.90 -21.95 -26.60
CA LEU B 168 7.51 -23.16 -27.30
C LEU B 168 8.46 -23.49 -28.44
N LEU B 169 9.55 -22.75 -28.58
CA LEU B 169 10.52 -23.02 -29.64
C LEU B 169 10.94 -24.48 -29.62
N TYR B 170 11.15 -25.04 -28.42
CA TYR B 170 11.66 -26.39 -28.28
C TYR B 170 10.74 -27.44 -28.88
N VAL B 171 9.52 -27.06 -29.27
CA VAL B 171 8.67 -27.95 -30.05
C VAL B 171 8.52 -27.37 -31.44
N LEU B 172 8.40 -26.04 -31.53
CA LEU B 172 8.01 -25.39 -32.78
C LEU B 172 9.07 -25.59 -33.85
N TYR B 173 10.33 -25.48 -33.48
CA TYR B 173 11.37 -25.81 -34.44
C TYR B 173 11.59 -27.31 -34.53
N HIS B 174 11.08 -28.07 -33.56
CA HIS B 174 11.34 -29.51 -33.51
C HIS B 174 10.44 -30.26 -34.46
N ILE B 175 11.05 -31.16 -35.23
CA ILE B 175 10.38 -31.90 -36.29
C ILE B 175 9.43 -32.94 -35.69
N GLU B 176 8.65 -33.57 -36.56
CA GLU B 176 7.58 -34.49 -36.18
C GLU B 176 7.88 -35.37 -34.98
N GLU B 177 9.07 -35.98 -34.95
CA GLU B 177 9.32 -37.05 -33.99
C GLU B 177 9.23 -36.56 -32.56
N LEU B 178 10.00 -35.50 -32.22
CA LEU B 178 10.03 -34.93 -30.87
C LEU B 178 10.07 -36.02 -29.80
N SER B 179 10.79 -37.09 -30.09
CA SER B 179 10.62 -38.37 -29.40
C SER B 179 11.18 -38.38 -27.99
N GLY B 180 10.33 -38.11 -27.01
CA GLY B 180 10.65 -38.39 -25.61
C GLY B 180 11.88 -37.66 -25.12
N VAL B 181 12.61 -38.32 -24.21
CA VAL B 181 13.84 -37.80 -23.60
C VAL B 181 13.53 -36.55 -22.80
N ARG B 182 13.60 -35.38 -23.45
CA ARG B 182 13.38 -34.10 -22.81
C ARG B 182 12.11 -33.42 -23.28
N THR B 183 11.46 -33.94 -24.32
CA THR B 183 10.25 -33.32 -24.84
C THR B 183 9.10 -33.44 -23.83
N ALA B 184 9.04 -34.55 -23.09
CA ALA B 184 7.98 -34.72 -22.11
C ALA B 184 8.04 -33.66 -21.03
N VAL B 185 9.22 -33.08 -20.79
CA VAL B 185 9.35 -31.98 -19.84
C VAL B 185 8.52 -30.79 -20.30
N THR B 186 8.65 -30.42 -21.57
CA THR B 186 7.85 -29.34 -22.13
C THR B 186 6.40 -29.75 -22.35
N MET B 187 6.13 -31.05 -22.41
CA MET B 187 4.77 -31.52 -22.69
C MET B 187 3.77 -30.95 -21.69
N ALA B 188 4.06 -31.07 -20.41
CA ALA B 188 3.09 -30.66 -19.40
C ALA B 188 3.01 -29.15 -19.23
N VAL B 189 4.13 -28.44 -19.38
CA VAL B 189 4.12 -27.02 -19.12
C VAL B 189 3.22 -26.30 -20.12
N MET B 190 3.10 -26.84 -21.33
CA MET B 190 2.21 -26.24 -22.31
C MET B 190 0.77 -26.23 -21.82
N CYS B 191 0.28 -27.38 -21.35
CA CYS B 191 -1.10 -27.43 -20.88
C CYS B 191 -1.27 -26.69 -19.56
N VAL B 192 -0.22 -26.66 -18.72
CA VAL B 192 -0.30 -25.86 -17.51
C VAL B 192 -0.50 -24.39 -17.86
N ALA B 193 0.29 -23.89 -18.81
CA ALA B 193 0.13 -22.51 -19.25
C ALA B 193 -1.25 -22.28 -19.86
N GLY B 194 -1.71 -23.23 -20.68
CA GLY B 194 -3.01 -23.07 -21.32
C GLY B 194 -4.14 -22.99 -20.31
N LEU B 195 -4.10 -23.83 -19.27
CA LEU B 195 -5.13 -23.84 -18.24
C LEU B 195 -5.01 -22.67 -17.28
N PHE B 196 -3.81 -22.14 -17.06
CA PHE B 196 -3.62 -21.10 -16.07
C PHE B 196 -3.63 -19.69 -16.63
N PHE B 197 -3.47 -19.53 -17.94
CA PHE B 197 -3.32 -18.19 -18.50
C PHE B 197 -4.63 -17.42 -18.47
N ILE B 198 -5.74 -18.05 -18.87
CA ILE B 198 -7.01 -17.35 -18.94
C ILE B 198 -7.42 -16.75 -17.59
N PRO B 199 -7.40 -17.50 -16.48
CA PRO B 199 -7.78 -16.86 -15.20
C PRO B 199 -6.86 -15.75 -14.77
N VAL B 200 -5.54 -15.94 -14.87
CA VAL B 200 -4.62 -14.91 -14.42
C VAL B 200 -4.70 -13.69 -15.34
N ALA B 201 -4.87 -13.91 -16.64
CA ALA B 201 -5.00 -12.78 -17.56
C ALA B 201 -6.28 -12.00 -17.28
N GLY B 202 -7.39 -12.69 -17.08
CA GLY B 202 -8.62 -12.00 -16.74
C GLY B 202 -8.51 -11.22 -15.45
N LEU B 203 -7.87 -11.82 -14.44
CA LEU B 203 -7.77 -11.16 -13.14
C LEU B 203 -6.84 -9.96 -13.20
N THR B 204 -5.73 -10.08 -13.93
CA THR B 204 -4.82 -8.94 -14.03
C THR B 204 -5.42 -7.84 -14.90
N GLY B 205 -6.22 -8.19 -15.91
CA GLY B 205 -6.96 -7.17 -16.63
C GLY B 205 -7.99 -6.49 -15.76
N PHE B 206 -8.63 -7.26 -14.88
CA PHE B 206 -9.52 -6.68 -13.89
C PHE B 206 -8.79 -5.64 -13.06
N HIS B 207 -7.66 -6.02 -12.46
CA HIS B 207 -6.91 -5.07 -11.66
C HIS B 207 -6.39 -3.91 -12.48
N VAL B 208 -6.12 -4.11 -13.78
CA VAL B 208 -5.76 -3.01 -14.65
C VAL B 208 -6.91 -2.02 -14.76
N VAL B 209 -8.13 -2.53 -14.88
CA VAL B 209 -9.30 -1.65 -14.89
C VAL B 209 -9.42 -0.91 -13.56
N LEU B 210 -9.24 -1.63 -12.45
CA LEU B 210 -9.28 -1.02 -11.13
C LEU B 210 -8.17 0.00 -10.91
N VAL B 211 -7.09 -0.08 -11.68
CA VAL B 211 -6.07 0.95 -11.58
C VAL B 211 -6.39 2.13 -12.49
N ALA B 212 -6.93 1.85 -13.68
CA ALA B 212 -7.31 2.92 -14.60
C ALA B 212 -8.40 3.80 -13.98
N ARG B 213 -9.37 3.18 -13.32
CA ARG B 213 -10.36 3.92 -12.56
C ARG B 213 -9.88 4.08 -11.12
N GLY B 214 -10.28 5.17 -10.48
CA GLY B 214 -9.93 5.38 -9.09
C GLY B 214 -10.89 4.65 -8.17
N ARG B 215 -11.00 3.34 -8.34
CA ARG B 215 -12.16 2.60 -7.88
C ARG B 215 -11.86 1.11 -7.94
N THR B 216 -11.97 0.42 -6.80
CA THR B 216 -11.37 -0.90 -6.64
C THR B 216 -12.31 -1.86 -5.92
N THR B 217 -12.40 -3.08 -6.45
CA THR B 217 -12.89 -4.27 -5.75
C THR B 217 -14.22 -4.10 -5.02
N ASN B 218 -14.15 -3.83 -3.71
CA ASN B 218 -15.38 -3.68 -2.93
C ASN B 218 -16.23 -2.55 -3.50
N GLU B 219 -15.58 -1.55 -4.11
CA GLU B 219 -16.31 -0.51 -4.79
C GLU B 219 -17.00 -1.03 -6.05
N GLN B 220 -16.43 -2.05 -6.71
CA GLN B 220 -17.17 -2.77 -7.74
C GLN B 220 -18.34 -3.53 -7.14
N VAL B 221 -18.14 -4.12 -5.97
CA VAL B 221 -19.20 -4.91 -5.35
C VAL B 221 -20.39 -4.02 -5.01
N THR B 222 -20.14 -2.79 -4.59
CA THR B 222 -21.23 -1.87 -4.28
C THR B 222 -21.95 -1.44 -5.55
N GLY B 223 -23.13 -2.01 -5.77
CA GLY B 223 -23.95 -1.62 -6.91
C GLY B 223 -24.89 -0.50 -6.56
N LYS B 224 -24.36 0.59 -6.00
CA LYS B 224 -25.19 1.69 -5.52
C LYS B 224 -24.68 3.03 -6.01
N PHE B 225 -23.37 3.15 -6.25
CA PHE B 225 -22.77 4.41 -6.69
C PHE B 225 -23.20 4.70 -8.12
N ARG B 226 -24.17 5.59 -8.27
CA ARG B 226 -24.66 5.99 -9.59
C ARG B 226 -24.75 7.52 -9.63
N GLY B 227 -23.88 8.14 -10.42
CA GLY B 227 -23.89 9.59 -10.56
C GLY B 227 -22.56 10.26 -10.27
N GLY B 228 -22.58 11.27 -9.41
CA GLY B 228 -21.37 11.98 -9.04
C GLY B 228 -20.55 11.18 -8.06
N VAL B 229 -19.93 10.11 -8.55
CA VAL B 229 -19.32 9.11 -7.70
C VAL B 229 -17.81 9.14 -7.92
N ASN B 230 -17.10 8.30 -7.16
CA ASN B 230 -15.66 8.19 -7.20
C ASN B 230 -15.01 9.55 -6.96
N PRO B 231 -15.12 10.10 -5.75
CA PRO B 231 -14.52 11.42 -5.49
C PRO B 231 -13.03 11.44 -5.74
N PHE B 232 -12.33 10.37 -5.37
CA PHE B 232 -10.89 10.25 -5.58
C PHE B 232 -10.56 9.55 -6.90
N THR B 233 -11.15 10.02 -7.99
CA THR B 233 -10.86 9.46 -9.31
C THR B 233 -9.53 9.95 -9.88
N ASN B 234 -9.09 11.13 -9.50
CA ASN B 234 -7.80 11.72 -9.89
C ASN B 234 -7.75 11.73 -11.42
N GLY B 235 -6.65 11.31 -12.06
CA GLY B 235 -6.53 11.50 -13.50
C GLY B 235 -5.87 10.39 -14.30
N CYS B 236 -6.07 9.13 -13.90
CA CYS B 236 -5.60 7.95 -14.64
C CYS B 236 -4.08 7.81 -14.61
N CYS B 237 -3.39 8.67 -15.34
CA CYS B 237 -1.93 8.70 -15.27
C CYS B 237 -1.47 8.98 -13.85
N ASN B 238 -2.18 9.86 -13.15
CA ASN B 238 -1.83 10.13 -11.76
C ASN B 238 -2.02 8.88 -10.91
N ASN B 239 -3.08 8.10 -11.17
CA ASN B 239 -3.27 6.87 -10.40
C ASN B 239 -2.15 5.86 -10.66
N VAL B 240 -1.78 5.67 -11.92
CA VAL B 240 -0.69 4.72 -12.16
C VAL B 240 0.59 5.24 -11.52
N SER B 241 0.80 6.56 -11.53
CA SER B 241 1.99 7.12 -10.92
C SER B 241 2.02 6.85 -9.42
N ARG B 242 0.91 7.09 -8.74
CA ARG B 242 0.90 6.91 -7.29
C ARG B 242 0.97 5.43 -6.92
N VAL B 243 0.50 4.54 -7.79
CA VAL B 243 0.54 3.13 -7.41
C VAL B 243 1.87 2.49 -7.81
N LEU B 244 2.62 3.09 -8.74
CA LEU B 244 3.86 2.48 -9.18
C LEU B 244 5.10 3.20 -8.62
N CYS B 245 5.20 4.51 -8.83
CA CYS B 245 6.42 5.24 -8.52
C CYS B 245 6.28 6.16 -7.31
N SER B 246 5.27 5.98 -6.48
CA SER B 246 5.19 6.77 -5.26
C SER B 246 6.12 6.17 -4.19
N SER B 247 6.56 7.04 -3.29
CA SER B 247 7.43 6.60 -2.21
C SER B 247 6.66 5.66 -1.28
N PRO B 248 7.21 4.49 -0.95
CA PRO B 248 6.44 3.53 -0.14
C PRO B 248 6.10 4.10 1.21
N ALA B 249 4.92 3.75 1.71
CA ALA B 249 4.51 4.16 3.04
C ALA B 249 5.30 3.39 4.09
N PRO B 250 5.40 3.91 5.30
CA PRO B 250 6.00 3.13 6.39
C PRO B 250 4.96 2.39 7.21
N ARG B 251 5.41 1.43 8.02
CA ARG B 251 4.50 0.61 8.80
C ARG B 251 3.90 1.43 9.94
N TYR B 252 2.58 1.31 10.12
CA TYR B 252 1.88 2.02 11.19
C TYR B 252 1.89 1.27 12.51
N LEU B 253 2.48 0.07 12.55
CA LEU B 253 2.47 -0.74 13.76
C LEU B 253 3.89 -1.22 14.05
N GLY B 254 4.20 -1.35 15.33
CA GLY B 254 5.48 -1.87 15.74
C GLY B 254 6.62 -0.87 15.72
N ARG B 255 6.34 0.41 15.48
CA ARG B 255 7.37 1.41 15.54
C ARG B 255 7.88 1.54 16.98
N PRO B 256 9.17 1.84 17.16
CA PRO B 256 9.72 1.97 18.52
C PRO B 256 9.02 3.07 19.30
N LYS B 257 8.84 2.83 20.59
CA LYS B 257 8.13 3.79 21.45
C LYS B 257 9.11 4.80 22.02
N LYS B 258 8.68 6.06 22.03
CA LYS B 258 9.49 7.14 22.56
C LYS B 258 9.31 7.23 24.08
N GLU B 259 9.81 8.32 24.67
CA GLU B 259 9.74 8.51 26.12
C GLU B 259 9.29 9.93 26.42
N LYS B 260 8.69 10.12 27.59
CA LYS B 260 8.23 11.43 28.02
C LYS B 260 9.41 12.34 28.34
N THR B 261 9.14 13.64 28.37
CA THR B 261 10.18 14.65 28.60
C THR B 261 10.21 15.14 30.04
N ILE B 262 9.12 15.75 30.52
CA ILE B 262 9.09 16.31 31.86
C ILE B 262 7.70 16.21 32.45
N VAL B 263 7.55 16.64 33.71
CA VAL B 263 6.24 16.69 34.34
C VAL B 263 5.36 17.73 33.67
N ILE B 264 5.96 18.76 33.08
CA ILE B 264 5.26 19.83 32.38
C ILE B 264 4.34 20.56 33.34
N ARG B 265 4.91 21.21 34.35
CA ARG B 265 4.17 22.00 35.33
C ARG B 265 3.03 21.21 35.97
ZN ZN C . -11.91 -2.42 11.98
ZN ZN D . -6.81 -9.33 5.65
#